data_1NEV
#
_entry.id   1NEV
#
loop_
_entity.id
_entity.type
_entity.pdbx_description
1 polymer "5'-D(*GP*GP*CP*AP*AP*AP*AP*CP*GP*G)-3'"
2 polymer "5'-D(*CP*CP*GP*TP*TP*TP*TP*GP*CP*C)-3'"
#
loop_
_entity_poly.entity_id
_entity_poly.type
_entity_poly.pdbx_seq_one_letter_code
_entity_poly.pdbx_strand_id
1 'polydeoxyribonucleotide' (DG)(DG)(DC)(DA)(DA)(DA)(DA)(DC)(DG)(DG) A
2 'polydeoxyribonucleotide' (DC)(DC)(DG)(DT)(DT)(DT)(DT)(DG)(DC)(DC) B
#